data_4C47
#
_entry.id   4C47
#
_cell.length_a   118.450
_cell.length_b   118.450
_cell.length_c   159.180
_cell.angle_alpha   90.00
_cell.angle_beta   90.00
_cell.angle_gamma   120.00
#
_symmetry.space_group_name_H-M   'H 3'
#
loop_
_entity.id
_entity.type
_entity.pdbx_description
1 polymer 'INNER MEMBRANE LIPOPROTEIN'
2 water water
#
_entity_poly.entity_id   1
_entity_poly.type   'polypeptide(L)'
_entity_poly.pdbx_seq_one_letter_code
;MSDYFADKHLVEEMKEQQKEQETKINLLEKQQKEQEAKINLLEKQQATIINTTKKVTEVVGRVERKQRLFDYTELDPSQT
HYFIINNGNIGLAGRILSIEPIDNGSVIHLDLVNLLSIPVSNLAFNMTWGTKKPSEAKDLPRWKQLLLNTKMDSTIELLP
GAWTNVTLTLKGVSPNNLKYLKIGIDMENVIFDSIQPINDTKKKPKK
;
_entity_poly.pdbx_strand_id   A,B,C
#
# COMPACT_ATOMS: atom_id res chain seq x y z
N ASP A 3 -33.09 -49.12 59.92
CA ASP A 3 -33.35 -48.92 61.34
C ASP A 3 -33.87 -47.51 61.62
N TYR A 4 -33.36 -46.92 62.69
CA TYR A 4 -33.63 -45.51 63.00
C TYR A 4 -32.37 -44.71 62.72
N PHE A 5 -31.25 -45.40 62.53
CA PHE A 5 -29.97 -44.75 62.35
C PHE A 5 -29.36 -45.06 60.99
N ALA A 6 -28.43 -44.20 60.56
CA ALA A 6 -27.77 -44.36 59.28
C ALA A 6 -26.76 -45.50 59.33
N ASP A 7 -26.64 -46.21 58.21
CA ASP A 7 -25.70 -47.31 58.08
C ASP A 7 -24.27 -46.76 57.90
N LYS A 8 -23.35 -47.33 58.66
CA LYS A 8 -21.94 -46.95 58.68
C LYS A 8 -21.29 -46.95 57.29
N HIS A 9 -21.41 -48.07 56.59
CA HIS A 9 -20.82 -48.27 55.28
C HIS A 9 -21.29 -47.23 54.26
N LEU A 10 -22.59 -46.98 54.25
CA LEU A 10 -23.20 -46.00 53.37
C LEU A 10 -22.59 -44.62 53.62
N VAL A 11 -22.42 -44.29 54.89
CA VAL A 11 -21.81 -43.02 55.30
C VAL A 11 -20.35 -42.93 54.83
N GLU A 12 -19.62 -44.04 54.92
CA GLU A 12 -18.25 -44.07 54.42
C GLU A 12 -18.21 -43.83 52.92
N GLU A 13 -19.11 -44.48 52.18
CA GLU A 13 -19.23 -44.29 50.74
C GLU A 13 -19.46 -42.81 50.42
N MET A 14 -20.45 -42.22 51.09
CA MET A 14 -20.77 -40.81 50.91
C MET A 14 -19.59 -39.89 51.21
N LYS A 15 -18.87 -40.17 52.29
CA LYS A 15 -17.68 -39.39 52.65
C LYS A 15 -16.63 -39.47 51.57
N GLU A 16 -16.46 -40.67 50.99
CA GLU A 16 -15.49 -40.86 49.92
C GLU A 16 -15.88 -40.03 48.69
N GLN A 17 -17.14 -40.13 48.28
CA GLN A 17 -17.61 -39.35 47.14
C GLN A 17 -17.50 -37.86 47.41
N GLN A 18 -17.61 -37.47 48.68
CA GLN A 18 -17.49 -36.07 49.07
C GLN A 18 -16.05 -35.59 48.93
N LYS A 19 -15.09 -36.43 49.33
CA LYS A 19 -13.69 -36.10 49.14
C LYS A 19 -13.36 -35.95 47.65
N GLU A 20 -13.89 -36.89 46.86
CA GLU A 20 -13.75 -36.83 45.42
C GLU A 20 -14.26 -35.50 44.86
N GLN A 21 -15.46 -35.14 45.31
CA GLN A 21 -16.07 -33.86 44.93
C GLN A 21 -15.21 -32.68 45.34
N GLU A 22 -14.56 -32.78 46.49
CA GLU A 22 -13.66 -31.73 46.94
C GLU A 22 -12.51 -31.56 45.96
N THR A 23 -11.95 -32.69 45.52
CA THR A 23 -10.90 -32.66 44.51
C THR A 23 -11.36 -31.97 43.23
N LYS A 24 -12.48 -32.43 42.68
CA LYS A 24 -13.02 -31.85 41.45
C LYS A 24 -13.29 -30.36 41.57
N ILE A 25 -13.83 -29.95 42.71
CA ILE A 25 -14.12 -28.55 42.99
C ILE A 25 -12.84 -27.71 43.01
N ASN A 26 -11.83 -28.20 43.73
CA ASN A 26 -10.54 -27.50 43.75
C ASN A 26 -9.97 -27.30 42.35
N LEU A 27 -10.02 -28.36 41.54
CA LEU A 27 -9.58 -28.28 40.15
C LEU A 27 -10.35 -27.19 39.40
N LEU A 28 -11.67 -27.20 39.54
CA LEU A 28 -12.52 -26.20 38.87
C LEU A 28 -12.17 -24.77 39.28
N GLU A 29 -11.88 -24.57 40.56
CA GLU A 29 -11.49 -23.25 41.05
C GLU A 29 -10.18 -22.80 40.41
N LYS A 30 -9.18 -23.68 40.42
CA LYS A 30 -7.88 -23.35 39.82
C LYS A 30 -8.02 -22.97 38.34
N GLN A 31 -8.73 -23.81 37.60
CA GLN A 31 -8.97 -23.57 36.18
C GLN A 31 -9.71 -22.25 35.94
N GLN A 32 -10.71 -21.97 36.78
CA GLN A 32 -11.48 -20.74 36.68
C GLN A 32 -10.56 -19.53 36.83
N LYS A 33 -9.67 -19.58 37.82
CA LYS A 33 -8.71 -18.50 38.01
C LYS A 33 -7.79 -18.28 36.81
N GLU A 34 -7.18 -19.35 36.31
CA GLU A 34 -6.27 -19.20 35.16
C GLU A 34 -7.00 -18.68 33.91
N GLN A 35 -8.23 -19.15 33.72
CA GLN A 35 -9.07 -18.68 32.62
C GLN A 35 -9.39 -17.20 32.76
N GLU A 36 -9.62 -16.78 34.00
CA GLU A 36 -9.84 -15.37 34.31
C GLU A 36 -8.64 -14.56 33.82
N ALA A 37 -7.45 -15.00 34.23
CA ALA A 37 -6.21 -14.30 33.82
C ALA A 37 -6.10 -14.20 32.29
N LYS A 38 -6.29 -15.33 31.62
CA LYS A 38 -6.23 -15.36 30.16
C LYS A 38 -7.23 -14.41 29.50
N ILE A 39 -8.44 -14.36 30.06
CA ILE A 39 -9.48 -13.47 29.53
C ILE A 39 -9.07 -12.00 29.68
N ASN A 40 -8.54 -11.64 30.85
CA ASN A 40 -8.00 -10.31 31.06
C ASN A 40 -7.00 -9.93 29.97
N LEU A 41 -5.98 -10.77 29.83
CA LEU A 41 -4.97 -10.56 28.80
C LEU A 41 -5.58 -10.37 27.41
N LEU A 42 -6.49 -11.26 27.05
CA LEU A 42 -7.17 -11.20 25.75
C LEU A 42 -7.90 -9.88 25.54
N GLU A 43 -8.55 -9.37 26.58
CA GLU A 43 -9.28 -8.12 26.45
C GLU A 43 -8.34 -6.93 26.22
N LYS A 44 -7.29 -6.85 27.04
CA LYS A 44 -6.32 -5.77 26.86
C LYS A 44 -5.68 -5.80 25.46
N GLN A 45 -5.20 -6.99 25.08
CA GLN A 45 -4.60 -7.19 23.77
C GLN A 45 -5.55 -6.86 22.64
N GLN A 46 -6.84 -7.15 22.85
CA GLN A 46 -7.83 -6.84 21.83
C GLN A 46 -8.00 -5.34 21.66
N ALA A 47 -8.02 -4.60 22.78
CA ALA A 47 -8.08 -3.13 22.69
C ALA A 47 -6.91 -2.60 21.87
N THR A 48 -5.70 -3.07 22.21
CA THR A 48 -4.52 -2.69 21.44
C THR A 48 -4.67 -3.01 19.95
N ILE A 49 -5.17 -4.21 19.66
CA ILE A 49 -5.36 -4.65 18.28
C ILE A 49 -6.33 -3.75 17.50
N ILE A 50 -7.44 -3.39 18.13
CA ILE A 50 -8.40 -2.48 17.51
C ILE A 50 -7.74 -1.16 17.15
N ASN A 51 -7.02 -0.58 18.12
CA ASN A 51 -6.28 0.66 17.86
C ASN A 51 -5.32 0.55 16.66
N THR A 52 -4.42 -0.43 16.74
CA THR A 52 -3.40 -0.67 15.72
C THR A 52 -4.00 -0.87 14.33
N THR A 53 -5.07 -1.66 14.25
CA THR A 53 -5.75 -1.94 12.99
C THR A 53 -6.34 -0.65 12.42
N LYS A 54 -6.95 0.17 13.28
CA LYS A 54 -7.44 1.47 12.85
C LYS A 54 -6.33 2.28 12.18
N LYS A 55 -5.18 2.37 12.85
CA LYS A 55 -4.03 3.10 12.30
C LYS A 55 -3.59 2.55 10.93
N VAL A 56 -3.49 1.21 10.85
CA VAL A 56 -3.06 0.57 9.62
C VAL A 56 -3.99 0.89 8.45
N THR A 57 -5.29 0.69 8.66
CA THR A 57 -6.29 1.05 7.65
C THR A 57 -6.09 2.50 7.22
N GLU A 58 -5.90 3.38 8.19
CA GLU A 58 -5.66 4.80 7.92
C GLU A 58 -4.50 5.00 6.93
N VAL A 59 -3.36 4.36 7.18
CA VAL A 59 -2.20 4.55 6.31
C VAL A 59 -2.41 3.96 4.91
N VAL A 60 -2.90 2.72 4.89
CA VAL A 60 -3.18 2.02 3.63
C VAL A 60 -4.10 2.83 2.72
N GLY A 61 -5.11 3.45 3.32
CA GLY A 61 -6.02 4.31 2.58
C GLY A 61 -5.30 5.43 1.83
N ARG A 62 -4.46 6.17 2.54
CA ARG A 62 -3.69 7.27 1.94
C ARG A 62 -2.79 6.76 0.84
N VAL A 63 -2.01 5.72 1.13
CA VAL A 63 -1.07 5.19 0.14
C VAL A 63 -1.78 4.77 -1.16
N GLU A 64 -2.86 4.00 -1.01
CA GLU A 64 -3.64 3.56 -2.14
C GLU A 64 -4.25 4.74 -2.91
N ARG A 65 -4.67 5.78 -2.19
CA ARG A 65 -5.15 6.99 -2.86
C ARG A 65 -4.06 7.63 -3.71
N LYS A 66 -2.85 7.70 -3.17
CA LYS A 66 -1.73 8.27 -3.91
C LYS A 66 -1.45 7.47 -5.17
N GLN A 67 -1.57 6.15 -5.09
CA GLN A 67 -1.35 5.33 -6.28
C GLN A 67 -2.36 5.58 -7.40
N ARG A 68 -3.52 6.14 -7.06
CA ARG A 68 -4.60 6.30 -8.04
C ARG A 68 -4.32 7.41 -9.06
N LEU A 69 -3.33 8.25 -8.78
CA LEU A 69 -2.98 9.36 -9.65
C LEU A 69 -2.38 8.89 -10.98
N PHE A 70 -1.81 7.70 -11.00
CA PHE A 70 -1.23 7.14 -12.22
C PHE A 70 -2.19 6.22 -12.95
N ASP A 71 -3.22 5.75 -12.26
CA ASP A 71 -4.20 4.85 -12.88
C ASP A 71 -5.11 5.60 -13.83
N TYR A 72 -5.54 6.79 -13.42
CA TYR A 72 -6.45 7.59 -14.21
C TYR A 72 -6.39 9.03 -13.73
N THR A 73 -7.07 9.93 -14.45
CA THR A 73 -7.16 11.32 -14.05
C THR A 73 -8.61 11.72 -13.81
N GLU A 74 -8.88 12.34 -12.67
CA GLU A 74 -10.22 12.78 -12.32
C GLU A 74 -10.30 14.30 -12.30
N LEU A 75 -11.37 14.84 -12.85
CA LEU A 75 -11.52 16.29 -12.96
C LEU A 75 -12.97 16.73 -13.01
N ASP A 76 -13.20 18.00 -12.68
CA ASP A 76 -14.47 18.67 -12.92
C ASP A 76 -14.27 19.50 -14.18
N PRO A 77 -14.80 19.02 -15.32
CA PRO A 77 -14.59 19.65 -16.62
C PRO A 77 -15.13 21.08 -16.70
N SER A 78 -15.98 21.45 -15.75
CA SER A 78 -16.54 22.79 -15.73
C SER A 78 -15.60 23.77 -15.04
N GLN A 79 -14.65 23.23 -14.28
CA GLN A 79 -13.71 24.04 -13.51
C GLN A 79 -12.27 23.76 -13.90
N THR A 80 -12.08 23.27 -15.12
CA THR A 80 -10.76 22.83 -15.56
C THR A 80 -10.44 23.28 -16.98
N HIS A 81 -9.21 23.72 -17.20
CA HIS A 81 -8.70 23.90 -18.56
C HIS A 81 -7.65 22.83 -18.85
N TYR A 82 -6.51 22.95 -18.18
CA TYR A 82 -5.41 22.00 -18.34
C TYR A 82 -5.60 20.77 -17.46
N PHE A 83 -5.19 19.61 -17.97
CA PHE A 83 -5.09 18.40 -17.16
C PHE A 83 -4.03 17.45 -17.71
N ILE A 84 -3.57 16.52 -16.89
CA ILE A 84 -2.53 15.58 -17.30
C ILE A 84 -2.97 14.14 -17.08
N ILE A 85 -2.71 13.29 -18.07
CA ILE A 85 -2.88 11.86 -17.91
C ILE A 85 -1.52 11.17 -18.03
N ASN A 86 -1.14 10.44 -16.99
CA ASN A 86 0.17 9.80 -16.94
C ASN A 86 0.07 8.47 -16.19
N ASN A 87 0.33 7.38 -16.90
CA ASN A 87 0.24 6.04 -16.31
C ASN A 87 1.59 5.39 -16.04
N GLY A 88 2.66 6.17 -16.19
CA GLY A 88 4.00 5.67 -15.96
C GLY A 88 4.70 5.27 -17.25
N ASN A 89 3.93 5.20 -18.35
CA ASN A 89 4.50 4.83 -19.64
C ASN A 89 4.22 5.89 -20.69
N ILE A 90 2.98 6.35 -20.75
CA ILE A 90 2.59 7.38 -21.70
C ILE A 90 2.11 8.62 -20.96
N GLY A 91 2.63 9.78 -21.35
CA GLY A 91 2.23 11.04 -20.78
C GLY A 91 1.50 11.90 -21.79
N LEU A 92 0.33 12.37 -21.41
CA LEU A 92 -0.49 13.21 -22.27
C LEU A 92 -0.92 14.43 -21.49
N ALA A 93 -0.96 15.59 -22.15
CA ALA A 93 -1.59 16.76 -21.56
C ALA A 93 -2.86 17.04 -22.35
N GLY A 94 -3.79 17.75 -21.72
CA GLY A 94 -5.05 18.07 -22.38
C GLY A 94 -5.55 19.45 -21.99
N ARG A 95 -6.17 20.12 -22.95
CA ARG A 95 -6.78 21.42 -22.68
C ARG A 95 -8.22 21.45 -23.20
N ILE A 96 -9.14 21.84 -22.34
CA ILE A 96 -10.56 21.86 -22.69
C ILE A 96 -10.92 23.16 -23.40
N LEU A 97 -11.36 23.03 -24.65
CA LEU A 97 -11.73 24.20 -25.45
C LEU A 97 -13.15 24.64 -25.15
N SER A 98 -14.08 23.69 -25.12
CA SER A 98 -15.47 23.99 -24.84
C SER A 98 -16.30 22.75 -24.49
N ILE A 99 -17.36 22.96 -23.72
CA ILE A 99 -18.34 21.91 -23.47
C ILE A 99 -19.65 22.30 -24.17
N GLU A 100 -20.11 21.44 -25.07
CA GLU A 100 -21.28 21.75 -25.90
C GLU A 100 -22.42 20.79 -25.64
N PRO A 101 -23.67 21.29 -25.67
CA PRO A 101 -24.84 20.45 -25.47
C PRO A 101 -25.32 19.76 -26.74
N ILE A 102 -25.65 18.47 -26.63
CA ILE A 102 -26.28 17.74 -27.72
C ILE A 102 -27.57 17.09 -27.22
N ASP A 103 -28.17 16.27 -28.07
CA ASP A 103 -29.39 15.57 -27.69
C ASP A 103 -29.13 14.64 -26.50
N ASN A 104 -29.62 15.05 -25.34
CA ASN A 104 -29.51 14.26 -24.10
C ASN A 104 -28.07 14.07 -23.62
N GLY A 105 -27.17 14.94 -24.03
CA GLY A 105 -25.78 14.79 -23.62
C GLY A 105 -24.93 16.03 -23.78
N SER A 106 -23.64 15.87 -23.46
CA SER A 106 -22.66 16.92 -23.64
C SER A 106 -21.60 16.48 -24.63
N VAL A 107 -20.96 17.44 -25.27
CA VAL A 107 -19.82 17.14 -26.10
C VAL A 107 -18.66 18.03 -25.67
N ILE A 108 -17.53 17.39 -25.35
CA ILE A 108 -16.34 18.13 -24.95
C ILE A 108 -15.35 18.19 -26.09
N HIS A 109 -15.08 19.41 -26.56
CA HIS A 109 -14.03 19.61 -27.55
C HIS A 109 -12.76 19.96 -26.81
N LEU A 110 -11.71 19.18 -27.03
CA LEU A 110 -10.43 19.46 -26.36
C LEU A 110 -9.26 19.24 -27.30
N ASP A 111 -8.08 19.59 -26.81
CA ASP A 111 -6.83 19.23 -27.49
C ASP A 111 -6.04 18.29 -26.58
N LEU A 112 -5.51 17.23 -27.17
CA LEU A 112 -4.59 16.36 -26.46
C LEU A 112 -3.21 16.53 -27.08
N VAL A 113 -2.18 16.37 -26.26
CA VAL A 113 -0.81 16.45 -26.75
C VAL A 113 0.08 15.39 -26.11
N ASN A 114 0.87 14.72 -26.95
CA ASN A 114 1.83 13.71 -26.51
C ASN A 114 3.05 14.38 -25.87
N LEU A 115 3.30 14.05 -24.62
CA LEU A 115 4.38 14.68 -23.86
C LEU A 115 5.73 14.03 -24.16
N LEU A 116 5.70 12.86 -24.78
CA LEU A 116 6.91 12.09 -25.05
C LEU A 116 7.61 12.58 -26.31
N SER A 117 8.76 11.98 -26.62
CA SER A 117 9.58 12.40 -27.75
C SER A 117 9.34 11.55 -28.99
N ILE A 118 8.53 10.52 -28.86
CA ILE A 118 8.16 9.68 -30.00
C ILE A 118 6.64 9.65 -30.18
N PRO A 119 6.19 9.51 -31.44
CA PRO A 119 4.74 9.45 -31.71
C PRO A 119 4.09 8.26 -30.99
N VAL A 120 2.82 8.42 -30.61
CA VAL A 120 2.02 7.31 -30.13
C VAL A 120 0.73 7.25 -30.94
N SER A 121 0.29 6.05 -31.27
CA SER A 121 -0.91 5.88 -32.10
C SER A 121 -1.83 4.81 -31.54
N ASN A 122 -3.08 4.84 -31.99
CA ASN A 122 -4.08 3.84 -31.60
C ASN A 122 -4.29 3.75 -30.10
N LEU A 123 -4.37 4.91 -29.45
CA LEU A 123 -4.70 4.99 -28.04
C LEU A 123 -6.18 4.77 -27.85
N ALA A 124 -6.55 4.13 -26.74
CA ALA A 124 -7.95 3.98 -26.37
C ALA A 124 -8.17 4.64 -25.01
N PHE A 125 -9.33 5.23 -24.81
CA PHE A 125 -9.59 5.95 -23.57
C PHE A 125 -10.73 5.34 -22.78
N ASN A 126 -10.46 4.97 -21.53
CA ASN A 126 -11.53 4.56 -20.63
C ASN A 126 -12.12 5.81 -20.00
N MET A 127 -13.43 6.01 -20.15
CA MET A 127 -14.06 7.22 -19.65
C MET A 127 -15.30 6.95 -18.80
N THR A 128 -15.40 7.69 -17.69
CA THR A 128 -16.56 7.61 -16.81
C THR A 128 -16.97 9.04 -16.49
N TRP A 129 -18.26 9.34 -16.55
CA TRP A 129 -18.68 10.73 -16.34
C TRP A 129 -20.04 10.85 -15.67
N GLY A 130 -20.30 12.02 -15.10
CA GLY A 130 -21.59 12.27 -14.51
C GLY A 130 -21.62 13.45 -13.57
N THR A 131 -22.56 13.42 -12.63
CA THR A 131 -22.75 14.51 -11.69
C THR A 131 -21.58 14.60 -10.71
N LYS A 132 -21.58 15.66 -9.90
CA LYS A 132 -20.52 15.91 -8.93
C LYS A 132 -20.33 14.75 -7.97
N LYS A 133 -19.06 14.46 -7.67
CA LYS A 133 -18.72 13.42 -6.71
C LYS A 133 -19.21 13.81 -5.32
N PRO A 134 -20.11 13.01 -4.74
CA PRO A 134 -20.71 13.31 -3.43
C PRO A 134 -19.66 13.39 -2.33
N SER A 135 -19.85 14.31 -1.39
CA SER A 135 -18.87 14.55 -0.34
C SER A 135 -18.98 13.56 0.81
N GLU A 136 -20.06 12.79 0.84
CA GLU A 136 -20.27 11.83 1.92
C GLU A 136 -20.09 10.39 1.43
N ALA A 137 -19.63 9.53 2.33
CA ALA A 137 -19.33 8.14 1.99
C ALA A 137 -20.59 7.30 1.74
N LYS A 138 -21.69 7.64 2.42
CA LYS A 138 -22.90 6.86 2.32
C LYS A 138 -23.60 7.05 0.97
N ASP A 139 -23.21 8.08 0.23
CA ASP A 139 -23.83 8.39 -1.05
C ASP A 139 -23.06 7.79 -2.22
N LEU A 140 -21.91 7.18 -1.93
CA LEU A 140 -21.05 6.61 -2.97
C LEU A 140 -21.67 5.55 -3.89
N PRO A 141 -22.30 4.50 -3.33
CA PRO A 141 -22.79 3.41 -4.21
C PRO A 141 -23.83 3.87 -5.23
N ARG A 142 -24.78 4.70 -4.80
CA ARG A 142 -25.83 5.21 -5.67
C ARG A 142 -25.23 6.03 -6.81
N TRP A 143 -24.31 6.91 -6.43
CA TRP A 143 -23.60 7.76 -7.38
C TRP A 143 -22.86 6.93 -8.42
N LYS A 144 -22.14 5.90 -7.95
CA LYS A 144 -21.42 5.00 -8.84
C LYS A 144 -22.37 4.30 -9.80
N GLN A 145 -23.52 3.87 -9.28
CA GLN A 145 -24.53 3.24 -10.13
C GLN A 145 -25.09 4.20 -11.18
N LEU A 146 -25.07 5.49 -10.87
CA LEU A 146 -25.58 6.48 -11.82
C LEU A 146 -24.53 6.94 -12.82
N LEU A 147 -23.27 6.61 -12.57
CA LEU A 147 -22.18 7.02 -13.46
C LEU A 147 -22.26 6.35 -14.83
N LEU A 148 -21.94 7.13 -15.87
CA LEU A 148 -21.93 6.61 -17.24
C LEU A 148 -20.51 6.32 -17.70
N ASN A 149 -20.33 5.23 -18.44
CA ASN A 149 -19.00 4.83 -18.87
C ASN A 149 -18.95 4.36 -20.32
N THR A 150 -17.78 4.51 -20.94
CA THR A 150 -17.56 4.02 -22.30
C THR A 150 -16.07 3.99 -22.63
N LYS A 151 -15.72 3.21 -23.66
CA LYS A 151 -14.34 3.17 -24.14
C LYS A 151 -14.27 3.83 -25.52
N MET A 152 -13.49 4.92 -25.61
CA MET A 152 -13.31 5.59 -26.88
C MET A 152 -12.10 5.03 -27.62
N ASP A 153 -12.37 4.28 -28.68
CA ASP A 153 -11.33 3.80 -29.58
C ASP A 153 -10.97 4.92 -30.56
N SER A 154 -9.69 5.26 -30.61
CA SER A 154 -9.23 6.30 -31.51
C SER A 154 -8.06 5.81 -32.35
N THR A 155 -8.09 6.13 -33.64
CA THR A 155 -6.97 5.84 -34.53
C THR A 155 -6.13 7.09 -34.67
N ILE A 156 -6.34 8.04 -33.75
CA ILE A 156 -5.64 9.31 -33.77
C ILE A 156 -4.15 9.12 -33.50
N GLU A 157 -3.32 9.71 -34.36
CA GLU A 157 -1.88 9.70 -34.16
C GLU A 157 -1.44 10.99 -33.49
N LEU A 158 -0.85 10.85 -32.30
CA LEU A 158 -0.38 12.01 -31.55
C LEU A 158 1.11 12.21 -31.70
N LEU A 159 1.50 13.20 -32.51
CA LEU A 159 2.92 13.52 -32.71
C LEU A 159 3.44 14.29 -31.50
N PRO A 160 4.74 14.12 -31.20
CA PRO A 160 5.34 14.78 -30.03
C PRO A 160 5.20 16.29 -30.07
N GLY A 161 4.51 16.86 -29.09
CA GLY A 161 4.43 18.31 -28.95
C GLY A 161 3.27 18.95 -29.69
N ALA A 162 2.54 18.16 -30.47
CA ALA A 162 1.47 18.68 -31.30
C ALA A 162 0.09 18.57 -30.67
N TRP A 163 -0.45 19.71 -30.25
CA TRP A 163 -1.83 19.77 -29.76
C TRP A 163 -2.77 19.27 -30.83
N THR A 164 -3.57 18.26 -30.50
CA THR A 164 -4.42 17.61 -31.49
C THR A 164 -5.89 17.59 -31.08
N ASN A 165 -6.77 17.96 -32.01
CA ASN A 165 -8.20 18.04 -31.74
C ASN A 165 -8.85 16.69 -31.45
N VAL A 166 -9.49 16.59 -30.29
CA VAL A 166 -10.19 15.37 -29.89
C VAL A 166 -11.56 15.73 -29.33
N THR A 167 -12.58 14.96 -29.71
CA THR A 167 -13.94 15.19 -29.26
C THR A 167 -14.48 14.03 -28.42
N LEU A 168 -14.93 14.35 -27.20
CA LEU A 168 -15.54 13.35 -26.32
C LEU A 168 -17.05 13.54 -26.28
N THR A 169 -17.78 12.62 -26.88
CA THR A 169 -19.23 12.67 -26.84
C THR A 169 -19.73 11.89 -25.63
N LEU A 170 -20.36 12.60 -24.70
CA LEU A 170 -20.82 11.99 -23.44
C LEU A 170 -22.33 12.12 -23.31
N LYS A 171 -23.05 11.09 -23.74
CA LYS A 171 -24.51 11.10 -23.67
C LYS A 171 -25.00 10.84 -22.25
N GLY A 172 -26.17 11.38 -21.92
CA GLY A 172 -26.78 11.13 -20.63
C GLY A 172 -26.71 12.28 -19.65
N VAL A 173 -25.77 13.20 -19.87
CA VAL A 173 -25.58 14.32 -18.95
C VAL A 173 -25.43 15.67 -19.65
N SER A 174 -26.24 16.64 -19.24
CA SER A 174 -26.17 18.00 -19.77
C SER A 174 -24.92 18.72 -19.24
N PRO A 175 -24.41 19.72 -20.00
CA PRO A 175 -23.22 20.48 -19.62
C PRO A 175 -23.24 21.03 -18.19
N ASN A 176 -24.36 21.60 -17.76
CA ASN A 176 -24.45 22.18 -16.43
C ASN A 176 -24.50 21.13 -15.31
N ASN A 177 -24.75 19.88 -15.68
CA ASN A 177 -24.73 18.78 -14.71
C ASN A 177 -23.42 18.00 -14.77
N LEU A 178 -22.70 18.17 -15.88
CA LEU A 178 -21.43 17.47 -16.07
C LEU A 178 -20.34 18.04 -15.18
N LYS A 179 -20.17 17.46 -14.00
CA LYS A 179 -19.16 17.95 -13.07
C LYS A 179 -18.18 16.86 -12.63
N TYR A 180 -18.25 15.70 -13.29
CA TYR A 180 -17.32 14.61 -13.01
C TYR A 180 -16.87 13.91 -14.27
N LEU A 181 -15.56 13.89 -14.48
CA LEU A 181 -14.96 13.16 -15.59
C LEU A 181 -13.72 12.42 -15.12
N LYS A 182 -13.72 11.12 -15.36
CA LYS A 182 -12.61 10.25 -15.04
C LYS A 182 -12.12 9.66 -16.34
N ILE A 183 -10.85 9.89 -16.65
CA ILE A 183 -10.30 9.42 -17.92
C ILE A 183 -8.97 8.69 -17.75
N GLY A 184 -8.87 7.51 -18.35
CA GLY A 184 -7.67 6.71 -18.29
C GLY A 184 -7.23 6.16 -19.64
N ILE A 185 -6.01 5.64 -19.69
CA ILE A 185 -5.44 5.13 -20.93
C ILE A 185 -5.48 3.60 -21.02
N ASP A 186 -6.08 3.09 -22.09
CA ASP A 186 -5.97 1.67 -22.41
C ASP A 186 -4.80 1.48 -23.36
N MET A 187 -3.92 0.54 -23.02
CA MET A 187 -2.63 0.40 -23.68
C MET A 187 -2.51 -0.83 -24.56
N GLU A 188 -3.63 -1.53 -24.76
CA GLU A 188 -3.64 -2.80 -25.48
C GLU A 188 -3.07 -2.72 -26.90
N ASN A 189 -3.56 -1.78 -27.70
CA ASN A 189 -3.15 -1.67 -29.10
C ASN A 189 -2.30 -0.45 -29.41
N VAL A 190 -1.60 0.06 -28.40
CA VAL A 190 -0.73 1.22 -28.55
C VAL A 190 0.50 0.88 -29.38
N ILE A 191 0.86 1.77 -30.31
CA ILE A 191 2.04 1.58 -31.13
C ILE A 191 3.02 2.74 -31.01
N PHE A 192 4.27 2.44 -30.68
CA PHE A 192 5.32 3.44 -30.61
C PHE A 192 6.10 3.48 -31.92
N ASP A 193 6.49 4.68 -32.34
CA ASP A 193 7.36 4.85 -33.50
C ASP A 193 7.90 6.27 -33.61
N TYR B 4 -21.65 -50.70 63.43
CA TYR B 4 -22.89 -50.88 62.68
C TYR B 4 -23.55 -49.55 62.34
N PHE B 5 -23.50 -48.61 63.27
CA PHE B 5 -24.13 -47.31 63.10
C PHE B 5 -23.11 -46.22 62.77
N ALA B 6 -23.53 -45.27 61.95
CA ALA B 6 -22.69 -44.13 61.60
C ALA B 6 -22.51 -43.20 62.80
N ASP B 7 -21.35 -42.58 62.92
CA ASP B 7 -21.06 -41.67 64.01
C ASP B 7 -21.70 -40.31 63.74
N LYS B 8 -22.32 -39.73 64.76
CA LYS B 8 -23.05 -38.47 64.60
C LYS B 8 -22.15 -37.29 64.28
N HIS B 9 -21.01 -37.20 64.98
CA HIS B 9 -20.07 -36.10 64.81
C HIS B 9 -19.54 -36.05 63.37
N LEU B 10 -19.13 -37.21 62.86
CA LEU B 10 -18.64 -37.36 61.50
C LEU B 10 -19.67 -36.83 60.50
N VAL B 11 -20.92 -37.18 60.73
CA VAL B 11 -22.03 -36.78 59.87
C VAL B 11 -22.26 -35.27 59.93
N GLU B 12 -22.17 -34.70 61.12
CA GLU B 12 -22.25 -33.25 61.29
C GLU B 12 -21.17 -32.55 60.45
N GLU B 13 -19.94 -33.02 60.61
CA GLU B 13 -18.81 -32.49 59.84
C GLU B 13 -19.08 -32.57 58.35
N MET B 14 -19.59 -33.72 57.91
CA MET B 14 -19.91 -33.94 56.51
C MET B 14 -20.97 -32.96 56.01
N LYS B 15 -21.97 -32.65 56.83
CA LYS B 15 -22.99 -31.68 56.42
C LYS B 15 -22.40 -30.28 56.30
N GLU B 16 -21.53 -29.93 57.24
CA GLU B 16 -20.86 -28.63 57.18
C GLU B 16 -20.06 -28.49 55.88
N GLN B 17 -19.20 -29.47 55.63
CA GLN B 17 -18.37 -29.45 54.43
C GLN B 17 -19.20 -29.44 53.16
N GLN B 18 -20.32 -30.17 53.18
CA GLN B 18 -21.22 -30.21 52.02
C GLN B 18 -21.83 -28.83 51.77
N LYS B 19 -22.18 -28.14 52.85
CA LYS B 19 -22.70 -26.77 52.75
C LYS B 19 -21.68 -25.84 52.12
N GLU B 20 -20.44 -25.93 52.61
CA GLU B 20 -19.34 -25.16 52.03
C GLU B 20 -19.16 -25.43 50.54
N GLN B 21 -19.22 -26.71 50.18
CA GLN B 21 -19.16 -27.12 48.79
C GLN B 21 -20.27 -26.46 47.98
N GLU B 22 -21.46 -26.41 48.55
CA GLU B 22 -22.59 -25.76 47.89
C GLU B 22 -22.30 -24.30 47.58
N THR B 23 -21.82 -23.57 48.59
CA THR B 23 -21.45 -22.16 48.38
C THR B 23 -20.40 -22.01 47.26
N LYS B 24 -19.34 -22.81 47.34
CA LYS B 24 -18.28 -22.78 46.34
C LYS B 24 -18.80 -23.03 44.92
N ILE B 25 -19.69 -24.01 44.79
CA ILE B 25 -20.31 -24.37 43.52
C ILE B 25 -21.14 -23.22 42.96
N ASN B 26 -21.95 -22.59 43.82
CA ASN B 26 -22.71 -21.41 43.41
C ASN B 26 -21.79 -20.33 42.84
N LEU B 27 -20.75 -19.98 43.60
CA LEU B 27 -19.77 -18.98 43.13
C LEU B 27 -19.19 -19.35 41.76
N LEU B 28 -18.80 -20.61 41.61
CA LEU B 28 -18.26 -21.11 40.35
C LEU B 28 -19.24 -20.98 39.17
N GLU B 29 -20.52 -21.24 39.42
CA GLU B 29 -21.54 -21.09 38.38
C GLU B 29 -21.66 -19.62 37.94
N LYS B 30 -21.74 -18.73 38.93
CA LYS B 30 -21.76 -17.29 38.68
C LYS B 30 -20.59 -16.86 37.76
N GLN B 31 -19.38 -17.23 38.19
CA GLN B 31 -18.18 -16.90 37.46
C GLN B 31 -18.20 -17.48 36.04
N GLN B 32 -18.73 -18.69 35.91
CA GLN B 32 -18.86 -19.33 34.60
C GLN B 32 -19.74 -18.48 33.68
N LYS B 33 -20.85 -17.98 34.20
CA LYS B 33 -21.73 -17.11 33.40
C LYS B 33 -21.01 -15.85 32.94
N GLU B 34 -20.34 -15.18 33.88
CA GLU B 34 -19.59 -13.96 33.55
C GLU B 34 -18.56 -14.21 32.44
N GLN B 35 -17.78 -15.27 32.62
CA GLN B 35 -16.76 -15.65 31.64
C GLN B 35 -17.37 -15.94 30.28
N GLU B 36 -18.50 -16.64 30.27
CA GLU B 36 -19.19 -16.93 29.02
C GLU B 36 -19.55 -15.65 28.28
N ALA B 37 -20.13 -14.69 28.99
CA ALA B 37 -20.47 -13.39 28.38
C ALA B 37 -19.25 -12.68 27.79
N LYS B 38 -18.18 -12.58 28.59
CA LYS B 38 -16.97 -11.92 28.12
C LYS B 38 -16.40 -12.59 26.88
N ILE B 39 -16.38 -13.91 26.87
CA ILE B 39 -15.90 -14.68 25.74
C ILE B 39 -16.73 -14.39 24.49
N ASN B 40 -18.06 -14.33 24.64
CA ASN B 40 -18.91 -13.94 23.52
C ASN B 40 -18.51 -12.59 22.91
N LEU B 41 -18.36 -11.59 23.78
CA LEU B 41 -17.88 -10.27 23.34
C LEU B 41 -16.59 -10.38 22.51
N LEU B 42 -15.59 -11.02 23.11
CA LEU B 42 -14.29 -11.21 22.47
C LEU B 42 -14.41 -11.86 21.09
N GLU B 43 -15.23 -12.91 20.99
CA GLU B 43 -15.42 -13.62 19.75
C GLU B 43 -16.00 -12.73 18.66
N LYS B 44 -17.07 -12.00 18.98
CA LYS B 44 -17.68 -11.12 17.99
C LYS B 44 -16.71 -10.04 17.49
N GLN B 45 -16.13 -9.31 18.44
CA GLN B 45 -15.17 -8.25 18.09
C GLN B 45 -14.02 -8.81 17.25
N GLN B 46 -13.56 -10.01 17.58
CA GLN B 46 -12.47 -10.64 16.85
C GLN B 46 -12.86 -11.05 15.44
N ALA B 47 -14.10 -11.48 15.25
CA ALA B 47 -14.60 -11.75 13.91
C ALA B 47 -14.53 -10.48 13.07
N THR B 48 -15.04 -9.38 13.62
CA THR B 48 -14.97 -8.08 12.94
C THR B 48 -13.51 -7.72 12.55
N ILE B 49 -12.61 -7.83 13.53
CA ILE B 49 -11.20 -7.52 13.31
C ILE B 49 -10.59 -8.37 12.19
N ILE B 50 -10.85 -9.67 12.23
CA ILE B 50 -10.37 -10.60 11.21
C ILE B 50 -10.84 -10.17 9.82
N ASN B 51 -12.10 -9.75 9.73
CA ASN B 51 -12.62 -9.23 8.47
C ASN B 51 -11.84 -8.01 7.98
N THR B 52 -11.72 -7.01 8.85
CA THR B 52 -10.98 -5.78 8.51
C THR B 52 -9.56 -6.09 8.04
N THR B 53 -8.87 -6.96 8.77
CA THR B 53 -7.51 -7.36 8.44
C THR B 53 -7.45 -8.03 7.07
N LYS B 54 -8.43 -8.90 6.79
CA LYS B 54 -8.50 -9.57 5.50
C LYS B 54 -8.59 -8.56 4.35
N LYS B 55 -9.50 -7.61 4.49
CA LYS B 55 -9.64 -6.55 3.48
C LYS B 55 -8.34 -5.75 3.32
N VAL B 56 -7.73 -5.37 4.44
CA VAL B 56 -6.49 -4.60 4.43
C VAL B 56 -5.36 -5.31 3.70
N THR B 57 -5.18 -6.60 3.97
CA THR B 57 -4.16 -7.39 3.28
C THR B 57 -4.47 -7.42 1.79
N GLU B 58 -5.76 -7.62 1.48
CA GLU B 58 -6.20 -7.64 0.09
C GLU B 58 -5.76 -6.38 -0.66
N VAL B 59 -5.99 -5.22 -0.06
CA VAL B 59 -5.60 -3.94 -0.67
C VAL B 59 -4.08 -3.78 -0.79
N VAL B 60 -3.39 -4.05 0.32
CA VAL B 60 -1.94 -3.92 0.39
C VAL B 60 -1.24 -4.74 -0.70
N GLY B 61 -1.77 -5.92 -0.99
CA GLY B 61 -1.27 -6.74 -2.08
C GLY B 61 -1.22 -5.99 -3.40
N ARG B 62 -2.37 -5.49 -3.83
CA ARG B 62 -2.46 -4.73 -5.07
C ARG B 62 -1.56 -3.50 -5.08
N VAL B 63 -1.47 -2.83 -3.92
CA VAL B 63 -0.58 -1.67 -3.82
C VAL B 63 0.89 -2.04 -4.10
N GLU B 64 1.36 -3.08 -3.42
CA GLU B 64 2.71 -3.60 -3.59
C GLU B 64 2.98 -3.95 -5.05
N ARG B 65 2.10 -4.80 -5.59
CA ARG B 65 2.24 -5.25 -6.98
C ARG B 65 2.05 -4.13 -8.00
N LYS B 66 1.85 -2.91 -7.51
CA LYS B 66 1.73 -1.74 -8.37
C LYS B 66 2.96 -0.84 -8.29
N GLN B 67 3.47 -0.62 -7.08
CA GLN B 67 4.71 0.13 -6.93
C GLN B 67 5.85 -0.66 -7.59
N ARG B 68 5.63 -1.98 -7.66
CA ARG B 68 6.53 -2.87 -8.39
C ARG B 68 6.86 -2.37 -9.81
N LEU B 69 5.90 -1.68 -10.43
CA LEU B 69 6.06 -1.22 -11.80
C LEU B 69 6.94 0.03 -11.93
N PHE B 70 7.05 0.78 -10.83
CA PHE B 70 7.99 1.90 -10.80
C PHE B 70 9.36 1.39 -10.42
N ASP B 71 9.39 0.36 -9.58
CA ASP B 71 10.67 -0.20 -9.13
C ASP B 71 11.53 -0.76 -10.27
N TYR B 72 10.91 -1.48 -11.20
CA TYR B 72 11.64 -2.09 -12.31
C TYR B 72 10.69 -2.60 -13.40
N THR B 73 11.25 -3.17 -14.46
CA THR B 73 10.42 -3.77 -15.51
C THR B 73 10.67 -5.27 -15.65
N GLU B 74 9.62 -6.07 -15.47
CA GLU B 74 9.72 -7.52 -15.61
C GLU B 74 8.99 -7.97 -16.87
N LEU B 75 9.63 -8.85 -17.64
CA LEU B 75 9.00 -9.36 -18.87
C LEU B 75 9.49 -10.75 -19.26
N ASP B 76 8.76 -11.37 -20.18
CA ASP B 76 9.17 -12.61 -20.82
C ASP B 76 9.61 -12.24 -22.23
N PRO B 77 10.93 -12.11 -22.45
CA PRO B 77 11.49 -11.64 -23.72
C PRO B 77 11.10 -12.51 -24.91
N SER B 78 10.66 -13.74 -24.65
CA SER B 78 10.22 -14.62 -25.72
C SER B 78 8.79 -14.29 -26.16
N GLN B 79 8.09 -13.50 -25.36
CA GLN B 79 6.69 -13.16 -25.65
C GLN B 79 6.49 -11.65 -25.74
N THR B 80 7.58 -10.90 -25.78
CA THR B 80 7.50 -9.46 -25.73
C THR B 80 8.27 -8.78 -26.87
N HIS B 81 7.61 -7.87 -27.56
CA HIS B 81 8.25 -7.05 -28.58
C HIS B 81 8.59 -5.68 -28.00
N TYR B 82 7.55 -4.91 -27.70
CA TYR B 82 7.72 -3.58 -27.10
C TYR B 82 7.63 -3.62 -25.58
N PHE B 83 8.34 -2.70 -24.93
CA PHE B 83 8.27 -2.55 -23.48
C PHE B 83 8.71 -1.16 -23.04
N ILE B 84 8.42 -0.82 -21.78
CA ILE B 84 8.78 0.49 -21.23
C ILE B 84 9.60 0.34 -19.95
N ILE B 85 10.61 1.19 -19.79
CA ILE B 85 11.35 1.28 -18.53
C ILE B 85 11.21 2.70 -17.99
N ASN B 86 10.69 2.82 -16.77
CA ASN B 86 10.43 4.14 -16.19
C ASN B 86 10.57 4.11 -14.67
N ASN B 87 11.60 4.77 -14.17
CA ASN B 87 11.87 4.79 -12.73
C ASN B 87 11.38 6.06 -12.05
N GLY B 88 10.61 6.86 -12.79
CA GLY B 88 10.07 8.09 -12.25
C GLY B 88 10.91 9.31 -12.62
N ASN B 89 12.08 9.06 -13.20
CA ASN B 89 12.98 10.14 -13.60
C ASN B 89 13.34 10.04 -15.08
N ILE B 90 13.72 8.84 -15.52
CA ILE B 90 14.11 8.61 -16.90
C ILE B 90 13.14 7.65 -17.57
N GLY B 91 12.65 8.03 -18.75
CA GLY B 91 11.73 7.20 -19.50
C GLY B 91 12.39 6.63 -20.75
N LEU B 92 12.36 5.32 -20.89
CA LEU B 92 12.93 4.64 -22.04
C LEU B 92 11.91 3.70 -22.65
N ALA B 93 11.91 3.59 -23.98
CA ALA B 93 11.08 2.60 -24.65
C ALA B 93 11.97 1.62 -25.41
N GLY B 94 11.63 0.34 -25.34
CA GLY B 94 12.45 -0.68 -25.96
C GLY B 94 11.66 -1.56 -26.89
N ARG B 95 12.31 -1.99 -27.97
CA ARG B 95 11.73 -2.99 -28.84
C ARG B 95 12.75 -4.11 -29.10
N ILE B 96 12.35 -5.34 -28.83
CA ILE B 96 13.23 -6.47 -29.03
C ILE B 96 13.22 -6.90 -30.50
N LEU B 97 14.40 -6.91 -31.12
CA LEU B 97 14.52 -7.24 -32.53
C LEU B 97 14.74 -8.74 -32.72
N SER B 98 15.63 -9.30 -31.90
CA SER B 98 15.90 -10.73 -31.95
C SER B 98 16.64 -11.22 -30.71
N ILE B 99 16.53 -12.52 -30.45
CA ILE B 99 17.32 -13.17 -29.41
C ILE B 99 18.14 -14.28 -30.04
N GLU B 100 19.47 -14.16 -29.93
CA GLU B 100 20.37 -15.10 -30.58
C GLU B 100 21.22 -15.87 -29.57
N PRO B 101 21.51 -17.14 -29.89
CA PRO B 101 22.40 -17.95 -29.05
C PRO B 101 23.87 -17.63 -29.31
N ILE B 102 24.64 -17.47 -28.23
CA ILE B 102 26.07 -17.29 -28.36
C ILE B 102 26.78 -18.23 -27.40
N ASP B 103 28.10 -18.09 -27.29
CA ASP B 103 28.90 -18.96 -26.44
C ASP B 103 28.44 -18.87 -24.98
N ASN B 104 27.77 -19.93 -24.54
CA ASN B 104 27.30 -20.08 -23.16
C ASN B 104 26.18 -19.12 -22.76
N GLY B 105 25.38 -18.68 -23.73
CA GLY B 105 24.26 -17.83 -23.41
C GLY B 105 23.48 -17.25 -24.58
N SER B 106 22.72 -16.20 -24.31
CA SER B 106 21.87 -15.57 -25.30
C SER B 106 22.28 -14.13 -25.51
N VAL B 107 21.92 -13.58 -26.67
CA VAL B 107 22.13 -12.16 -26.93
C VAL B 107 20.84 -11.53 -27.41
N ILE B 108 20.39 -10.51 -26.68
CA ILE B 108 19.19 -9.78 -27.04
C ILE B 108 19.57 -8.51 -27.79
N HIS B 109 19.27 -8.48 -29.08
CA HIS B 109 19.42 -7.26 -29.87
C HIS B 109 18.14 -6.45 -29.74
N LEU B 110 18.26 -5.20 -29.31
CA LEU B 110 17.06 -4.38 -29.14
C LEU B 110 17.31 -2.92 -29.49
N ASP B 111 16.23 -2.17 -29.68
CA ASP B 111 16.34 -0.73 -29.87
C ASP B 111 15.79 -0.02 -28.64
N LEU B 112 16.59 0.89 -28.09
CA LEU B 112 16.16 1.72 -26.97
C LEU B 112 15.99 3.16 -27.45
N VAL B 113 14.98 3.84 -26.94
CA VAL B 113 14.76 5.24 -27.26
C VAL B 113 14.44 6.06 -26.02
N ASN B 114 15.13 7.18 -25.90
CA ASN B 114 14.93 8.16 -24.83
C ASN B 114 13.62 8.91 -25.03
N LEU B 115 12.71 8.77 -24.07
CA LEU B 115 11.40 9.41 -24.15
C LEU B 115 11.41 10.87 -23.71
N LEU B 116 12.55 11.32 -23.21
CA LEU B 116 12.69 12.70 -22.74
C LEU B 116 13.10 13.64 -23.86
N SER B 117 13.21 14.93 -23.54
CA SER B 117 13.51 15.94 -24.55
C SER B 117 14.99 16.30 -24.60
N ILE B 118 15.75 15.82 -23.62
CA ILE B 118 17.19 16.03 -23.59
C ILE B 118 17.91 14.69 -23.71
N PRO B 119 19.14 14.69 -24.26
CA PRO B 119 19.91 13.45 -24.36
C PRO B 119 20.34 12.94 -23.00
N VAL B 120 20.38 11.62 -22.83
CA VAL B 120 20.93 11.01 -21.63
C VAL B 120 22.07 10.08 -22.01
N SER B 121 23.09 10.00 -21.15
CA SER B 121 24.27 9.21 -21.47
C SER B 121 24.81 8.47 -20.24
N ASN B 122 25.64 7.46 -20.50
CA ASN B 122 26.26 6.66 -19.46
C ASN B 122 25.28 5.99 -18.51
N LEU B 123 24.22 5.44 -19.07
CA LEU B 123 23.25 4.67 -18.30
C LEU B 123 23.80 3.29 -17.98
N ALA B 124 23.53 2.81 -16.77
CA ALA B 124 23.86 1.45 -16.39
C ALA B 124 22.58 0.66 -16.18
N PHE B 125 22.61 -0.64 -16.46
CA PHE B 125 21.42 -1.46 -16.36
C PHE B 125 21.59 -2.61 -15.38
N ASN B 126 20.73 -2.66 -14.36
CA ASN B 126 20.68 -3.81 -13.47
C ASN B 126 19.79 -4.88 -14.09
N MET B 127 20.36 -6.05 -14.32
CA MET B 127 19.63 -7.12 -15.00
C MET B 127 19.65 -8.44 -14.24
N THR B 128 18.48 -9.05 -14.13
CA THR B 128 18.33 -10.39 -13.57
C THR B 128 17.57 -11.21 -14.60
N TRP B 129 17.97 -12.45 -14.83
CA TRP B 129 17.30 -13.24 -15.86
C TRP B 129 17.35 -14.75 -15.59
N GLY B 130 16.43 -15.47 -16.21
CA GLY B 130 16.40 -16.92 -16.08
C GLY B 130 15.17 -17.56 -16.70
N THR B 131 14.84 -18.76 -16.23
CA THR B 131 13.67 -19.48 -16.72
C THR B 131 12.37 -18.84 -16.24
N LYS B 132 11.25 -19.31 -16.78
CA LYS B 132 9.95 -18.69 -16.55
C LYS B 132 9.59 -18.57 -15.08
N LYS B 133 8.98 -17.44 -14.71
CA LYS B 133 8.45 -17.23 -13.38
C LYS B 133 7.29 -18.19 -13.15
N PRO B 134 7.45 -19.13 -12.22
CA PRO B 134 6.43 -20.15 -11.97
C PRO B 134 5.18 -19.58 -11.31
N SER B 135 4.04 -20.19 -11.57
CA SER B 135 2.76 -19.70 -11.06
C SER B 135 2.61 -19.92 -9.55
N GLU B 136 2.99 -21.11 -9.08
CA GLU B 136 2.89 -21.42 -7.66
C GLU B 136 3.82 -20.54 -6.82
N ALA B 137 3.32 -20.07 -5.68
CA ALA B 137 4.05 -19.13 -4.84
C ALA B 137 5.09 -19.83 -3.95
N LYS B 138 4.94 -21.13 -3.76
CA LYS B 138 5.88 -21.88 -2.94
C LYS B 138 7.17 -22.18 -3.71
N ASP B 139 7.08 -22.17 -5.02
CA ASP B 139 8.22 -22.48 -5.89
C ASP B 139 9.17 -21.29 -6.05
N LEU B 140 8.67 -20.09 -5.74
CA LEU B 140 9.42 -18.86 -5.94
C LEU B 140 10.80 -18.77 -5.26
N PRO B 141 10.90 -19.08 -3.94
CA PRO B 141 12.20 -18.94 -3.27
C PRO B 141 13.32 -19.78 -3.88
N ARG B 142 12.97 -20.91 -4.49
CA ARG B 142 13.96 -21.75 -5.16
C ARG B 142 14.27 -21.20 -6.55
N TRP B 143 13.24 -20.76 -7.26
CA TRP B 143 13.41 -20.19 -8.59
C TRP B 143 14.30 -18.95 -8.59
N LYS B 144 14.19 -18.17 -7.51
CA LYS B 144 15.01 -16.97 -7.32
C LYS B 144 16.50 -17.29 -7.18
N GLN B 145 16.82 -18.32 -6.41
CA GLN B 145 18.19 -18.77 -6.20
C GLN B 145 18.92 -18.98 -7.51
N LEU B 146 18.20 -19.51 -8.50
CA LEU B 146 18.79 -19.94 -9.77
C LEU B 146 18.90 -18.81 -10.77
N LEU B 147 18.37 -17.65 -10.42
CA LEU B 147 18.42 -16.50 -11.33
C LEU B 147 19.84 -15.94 -11.43
N LEU B 148 20.17 -15.40 -12.59
CA LEU B 148 21.48 -14.80 -12.81
C LEU B 148 21.37 -13.28 -12.89
N ASN B 149 22.38 -12.58 -12.36
CA ASN B 149 22.34 -11.12 -12.31
C ASN B 149 23.65 -10.46 -12.72
N THR B 150 23.56 -9.25 -13.24
CA THR B 150 24.73 -8.45 -13.57
C THR B 150 24.37 -6.99 -13.81
N LYS B 151 25.38 -6.12 -13.80
CA LYS B 151 25.17 -4.71 -14.10
C LYS B 151 25.94 -4.33 -15.36
N MET B 152 25.20 -3.91 -16.39
CA MET B 152 25.83 -3.49 -17.64
C MET B 152 26.11 -1.99 -17.63
N ASP B 153 27.39 -1.63 -17.53
CA ASP B 153 27.80 -0.24 -17.64
C ASP B 153 27.92 0.12 -19.11
N SER B 154 27.47 1.32 -19.48
CA SER B 154 27.46 1.71 -20.88
C SER B 154 27.96 3.13 -21.09
N THR B 155 28.45 3.39 -22.30
CA THR B 155 28.81 4.74 -22.72
C THR B 155 27.84 5.16 -23.82
N ILE B 156 26.71 4.48 -23.89
CA ILE B 156 25.71 4.70 -24.92
C ILE B 156 25.06 6.08 -24.79
N GLU B 157 24.96 6.78 -25.91
CA GLU B 157 24.31 8.09 -25.95
C GLU B 157 22.91 7.97 -26.52
N LEU B 158 21.91 8.19 -25.68
CA LEU B 158 20.52 8.12 -26.12
C LEU B 158 19.95 9.51 -26.40
N LEU B 159 19.97 9.89 -27.67
CA LEU B 159 19.39 11.15 -28.11
C LEU B 159 17.88 11.11 -27.99
N PRO B 160 17.25 12.27 -27.78
CA PRO B 160 15.79 12.34 -27.64
C PRO B 160 15.05 11.85 -28.88
N GLY B 161 14.24 10.82 -28.73
CA GLY B 161 13.37 10.36 -29.81
C GLY B 161 14.05 9.49 -30.85
N ALA B 162 15.34 9.24 -30.67
CA ALA B 162 16.10 8.45 -31.63
C ALA B 162 16.27 7.00 -31.18
N TRP B 163 15.64 6.08 -31.91
CA TRP B 163 15.80 4.65 -31.64
C TRP B 163 17.25 4.25 -31.85
N THR B 164 17.86 3.69 -30.81
CA THR B 164 19.29 3.38 -30.83
C THR B 164 19.54 1.90 -30.56
N ASN B 165 20.42 1.30 -31.35
CA ASN B 165 20.75 -0.12 -31.19
C ASN B 165 21.54 -0.41 -29.91
N VAL B 166 21.05 -1.37 -29.15
CA VAL B 166 21.68 -1.81 -27.91
C VAL B 166 21.70 -3.34 -27.87
N THR B 167 22.80 -3.90 -27.38
CA THR B 167 22.96 -5.35 -27.29
C THR B 167 23.13 -5.82 -25.85
N LEU B 168 22.24 -6.72 -25.42
CA LEU B 168 22.30 -7.27 -24.07
C LEU B 168 22.77 -8.72 -24.10
N THR B 169 24.01 -8.96 -23.69
CA THR B 169 24.53 -10.32 -23.62
C THR B 169 24.22 -10.92 -22.25
N LEU B 170 23.55 -12.06 -22.26
CA LEU B 170 23.12 -12.72 -21.03
C LEU B 170 23.58 -14.18 -21.01
N LYS B 171 24.63 -14.46 -20.24
CA LYS B 171 25.21 -15.78 -20.19
C LYS B 171 24.42 -16.74 -19.31
N GLY B 172 24.59 -18.03 -19.54
CA GLY B 172 24.01 -19.04 -18.67
C GLY B 172 22.66 -19.59 -19.10
N VAL B 173 22.01 -18.92 -20.03
CA VAL B 173 20.69 -19.35 -20.49
C VAL B 173 20.57 -19.27 -22.01
N SER B 174 20.10 -20.35 -22.63
CA SER B 174 19.83 -20.37 -24.07
C SER B 174 18.57 -19.58 -24.37
N PRO B 175 18.44 -19.07 -25.61
CA PRO B 175 17.27 -18.28 -26.04
C PRO B 175 15.92 -18.92 -25.70
N ASN B 176 15.79 -20.22 -25.96
CA ASN B 176 14.51 -20.90 -25.74
C ASN B 176 14.19 -21.09 -24.26
N ASN B 177 15.20 -20.92 -23.40
CA ASN B 177 15.01 -21.04 -21.96
C ASN B 177 14.96 -19.67 -21.29
N LEU B 178 15.19 -18.63 -22.07
CA LEU B 178 15.19 -17.26 -21.54
C LEU B 178 13.78 -16.68 -21.52
N LYS B 179 13.03 -16.99 -20.46
CA LYS B 179 11.64 -16.55 -20.37
C LYS B 179 11.40 -15.57 -19.23
N TYR B 180 12.46 -15.18 -18.53
CA TYR B 180 12.35 -14.15 -17.50
C TYR B 180 13.48 -13.14 -17.58
N LEU B 181 13.10 -11.87 -17.71
CA LEU B 181 14.05 -10.76 -17.69
C LEU B 181 13.52 -9.60 -16.85
N LYS B 182 14.27 -9.29 -15.79
CA LYS B 182 14.00 -8.16 -14.93
C LYS B 182 15.08 -7.11 -15.20
N ILE B 183 14.65 -5.93 -15.60
CA ILE B 183 15.59 -4.88 -15.98
C ILE B 183 15.27 -3.54 -15.32
N GLY B 184 16.31 -2.90 -14.79
CA GLY B 184 16.17 -1.64 -14.09
C GLY B 184 17.30 -0.67 -14.40
N ILE B 185 17.08 0.59 -14.06
CA ILE B 185 18.02 1.65 -14.39
C ILE B 185 18.92 2.01 -13.21
N ASP B 186 20.23 2.07 -13.45
CA ASP B 186 21.17 2.56 -12.44
C ASP B 186 21.53 4.00 -12.81
N MET B 187 21.42 4.90 -11.84
CA MET B 187 21.44 6.34 -12.13
C MET B 187 22.70 7.07 -11.65
N GLU B 188 23.68 6.32 -11.15
CA GLU B 188 24.86 6.92 -10.55
C GLU B 188 25.64 7.85 -11.49
N ASN B 189 25.95 7.36 -12.69
CA ASN B 189 26.76 8.13 -13.63
C ASN B 189 25.99 8.70 -14.81
N VAL B 190 24.70 8.93 -14.62
CA VAL B 190 23.85 9.47 -15.68
C VAL B 190 24.21 10.92 -16.01
N ILE B 191 24.52 11.16 -17.28
CA ILE B 191 24.86 12.49 -17.76
C ILE B 191 23.80 12.95 -18.76
N PHE B 192 23.38 14.20 -18.65
CA PHE B 192 22.27 14.71 -19.46
C PHE B 192 22.72 15.51 -20.69
N ASP B 193 23.70 14.99 -21.43
CA ASP B 193 24.06 15.56 -22.73
C ASP B 193 24.54 14.49 -23.73
N ASP C 3 -27.76 -40.88 70.89
CA ASP C 3 -27.20 -39.54 70.75
C ASP C 3 -25.74 -39.61 70.29
N TYR C 4 -25.27 -40.81 70.04
CA TYR C 4 -23.93 -41.03 69.51
C TYR C 4 -23.97 -41.13 68.00
N PHE C 5 -25.16 -41.41 67.47
CA PHE C 5 -25.30 -41.77 66.07
C PHE C 5 -26.21 -40.83 65.28
N ALA C 6 -26.18 -40.95 63.97
CA ALA C 6 -26.89 -40.04 63.09
C ALA C 6 -28.23 -40.58 62.60
N ASP C 7 -29.16 -39.67 62.32
CA ASP C 7 -30.47 -40.04 61.83
C ASP C 7 -30.41 -40.49 60.37
N LYS C 8 -31.10 -41.60 60.07
CA LYS C 8 -31.07 -42.21 58.74
C LYS C 8 -31.60 -41.28 57.65
N HIS C 9 -32.76 -40.67 57.92
CA HIS C 9 -33.41 -39.77 56.97
C HIS C 9 -32.55 -38.57 56.59
N LEU C 10 -31.87 -38.00 57.58
CA LEU C 10 -31.00 -36.85 57.38
C LEU C 10 -29.86 -37.22 56.41
N VAL C 11 -29.27 -38.39 56.63
CA VAL C 11 -28.24 -38.91 55.75
C VAL C 11 -28.80 -39.18 54.35
N GLU C 12 -30.06 -39.62 54.27
CA GLU C 12 -30.71 -39.82 52.98
C GLU C 12 -30.76 -38.50 52.19
N GLU C 13 -31.26 -37.45 52.85
CA GLU C 13 -31.28 -36.12 52.27
C GLU C 13 -29.88 -35.69 51.82
N MET C 14 -28.88 -35.98 52.66
CA MET C 14 -27.50 -35.70 52.31
C MET C 14 -27.09 -36.39 51.01
N LYS C 15 -27.48 -37.65 50.84
CA LYS C 15 -27.14 -38.40 49.65
C LYS C 15 -27.77 -37.75 48.42
N GLU C 16 -29.03 -37.38 48.53
CA GLU C 16 -29.70 -36.70 47.42
C GLU C 16 -28.98 -35.41 47.05
N GLN C 17 -28.63 -34.62 48.06
CA GLN C 17 -27.89 -33.38 47.84
C GLN C 17 -26.55 -33.61 47.16
N GLN C 18 -25.84 -34.65 47.60
CA GLN C 18 -24.56 -35.02 47.00
C GLN C 18 -24.74 -35.37 45.53
N LYS C 19 -25.85 -36.02 45.21
CA LYS C 19 -26.18 -36.36 43.83
C LYS C 19 -26.38 -35.11 42.98
N GLU C 20 -27.23 -34.20 43.46
CA GLU C 20 -27.46 -32.93 42.77
C GLU C 20 -26.16 -32.16 42.54
N GLN C 21 -25.34 -32.10 43.58
CA GLN C 21 -24.00 -31.49 43.48
C GLN C 21 -23.18 -32.16 42.40
N GLU C 22 -23.25 -33.48 42.32
CA GLU C 22 -22.54 -34.24 41.31
C GLU C 22 -22.92 -33.76 39.91
N THR C 23 -24.22 -33.70 39.64
CA THR C 23 -24.67 -33.22 38.33
C THR C 23 -24.16 -31.80 38.03
N LYS C 24 -24.32 -30.90 38.99
CA LYS C 24 -23.84 -29.52 38.84
C LYS C 24 -22.35 -29.44 38.49
N ILE C 25 -21.55 -30.17 39.26
CA ILE C 25 -20.10 -30.24 39.04
C ILE C 25 -19.80 -30.73 37.63
N ASN C 26 -20.51 -31.77 37.20
CA ASN C 26 -20.42 -32.24 35.83
C ASN C 26 -20.59 -31.14 34.80
N LEU C 27 -21.72 -30.42 34.89
CA LEU C 27 -21.99 -29.34 33.94
C LEU C 27 -20.87 -28.29 33.96
N LEU C 28 -20.39 -27.99 35.16
CA LEU C 28 -19.27 -27.06 35.30
C LEU C 28 -18.02 -27.52 34.55
N GLU C 29 -17.63 -28.78 34.73
CA GLU C 29 -16.47 -29.34 34.03
C GLU C 29 -16.61 -29.25 32.51
N LYS C 30 -17.79 -29.65 32.02
CA LYS C 30 -18.10 -29.58 30.60
C LYS C 30 -17.94 -28.17 30.03
N GLN C 31 -18.64 -27.23 30.65
CA GLN C 31 -18.59 -25.83 30.23
C GLN C 31 -17.18 -25.29 30.28
N GLN C 32 -16.43 -25.72 31.28
CA GLN C 32 -15.03 -25.33 31.42
C GLN C 32 -14.20 -25.79 30.23
N LYS C 33 -14.38 -27.04 29.82
CA LYS C 33 -13.68 -27.53 28.64
C LYS C 33 -14.02 -26.68 27.40
N GLU C 34 -15.30 -26.43 27.22
CA GLU C 34 -15.75 -25.58 26.11
C GLU C 34 -15.04 -24.21 26.10
N GLN C 35 -15.06 -23.54 27.24
CA GLN C 35 -14.42 -22.24 27.39
C GLN C 35 -12.91 -22.31 27.14
N GLU C 36 -12.28 -23.39 27.60
CA GLU C 36 -10.85 -23.61 27.34
C GLU C 36 -10.56 -23.61 25.85
N ALA C 37 -11.34 -24.40 25.11
CA ALA C 37 -11.21 -24.46 23.66
C ALA C 37 -11.36 -23.08 23.02
N LYS C 38 -12.47 -22.41 23.32
CA LYS C 38 -12.73 -21.09 22.75
C LYS C 38 -11.62 -20.09 23.04
N ILE C 39 -11.10 -20.13 24.26
CA ILE C 39 -10.02 -19.24 24.67
C ILE C 39 -8.75 -19.50 23.86
N ASN C 40 -8.35 -20.77 23.77
CA ASN C 40 -7.17 -21.11 22.96
C ASN C 40 -7.30 -20.62 21.51
N LEU C 41 -8.48 -20.84 20.95
CA LEU C 41 -8.79 -20.37 19.60
C LEU C 41 -8.60 -18.85 19.49
N LEU C 42 -9.16 -18.12 20.45
CA LEU C 42 -9.01 -16.67 20.50
C LEU C 42 -7.55 -16.22 20.53
N GLU C 43 -6.76 -16.87 21.40
CA GLU C 43 -5.33 -16.53 21.50
C GLU C 43 -4.62 -16.70 20.16
N LYS C 44 -4.77 -17.88 19.56
CA LYS C 44 -4.10 -18.14 18.29
C LYS C 44 -4.53 -17.16 17.19
N GLN C 45 -5.83 -16.91 17.07
CA GLN C 45 -6.32 -15.92 16.12
C GLN C 45 -5.69 -14.55 16.35
N GLN C 46 -5.61 -14.13 17.62
CA GLN C 46 -4.98 -12.86 17.96
C GLN C 46 -3.52 -12.79 17.51
N ALA C 47 -2.75 -13.84 17.79
CA ALA C 47 -1.35 -13.87 17.35
C ALA C 47 -1.27 -13.71 15.83
N THR C 48 -2.07 -14.49 15.12
CA THR C 48 -2.14 -14.38 13.65
C THR C 48 -2.40 -12.94 13.20
N ILE C 49 -3.41 -12.31 13.78
CA ILE C 49 -3.75 -10.93 13.44
C ILE C 49 -2.58 -9.98 13.67
N ILE C 50 -1.95 -10.07 14.83
CA ILE C 50 -0.81 -9.22 15.18
C ILE C 50 0.33 -9.36 14.16
N ASN C 51 0.62 -10.60 13.80
CA ASN C 51 1.68 -10.91 12.85
C ASN C 51 1.40 -10.33 11.45
N THR C 52 0.19 -10.63 10.94
CA THR C 52 -0.23 -10.13 9.64
C THR C 52 -0.20 -8.60 9.59
N THR C 53 -0.68 -7.97 10.67
CA THR C 53 -0.64 -6.52 10.80
C THR C 53 0.79 -5.99 10.71
N LYS C 54 1.70 -6.68 11.39
CA LYS C 54 3.13 -6.35 11.37
C LYS C 54 3.65 -6.30 9.92
N LYS C 55 3.42 -7.40 9.21
CA LYS C 55 3.82 -7.51 7.81
C LYS C 55 3.26 -6.35 6.98
N VAL C 56 1.95 -6.12 7.11
CA VAL C 56 1.28 -5.05 6.38
C VAL C 56 1.92 -3.68 6.63
N THR C 57 2.19 -3.37 7.90
CA THR C 57 2.80 -2.08 8.22
C THR C 57 4.16 -1.93 7.58
N GLU C 58 4.95 -3.00 7.58
CA GLU C 58 6.24 -2.95 6.91
C GLU C 58 6.12 -2.65 5.42
N VAL C 59 5.31 -3.46 4.72
CA VAL C 59 5.09 -3.23 3.28
C VAL C 59 4.63 -1.80 2.97
N VAL C 60 3.57 -1.36 3.67
CA VAL C 60 3.01 -0.03 3.46
C VAL C 60 4.02 1.09 3.74
N GLY C 61 4.93 0.84 4.70
CA GLY C 61 5.98 1.79 5.01
C GLY C 61 6.93 1.92 3.84
N ARG C 62 7.33 0.78 3.28
CA ARG C 62 8.18 0.80 2.10
C ARG C 62 7.52 1.59 0.96
N VAL C 63 6.27 1.28 0.68
CA VAL C 63 5.55 1.97 -0.40
C VAL C 63 5.45 3.48 -0.19
N GLU C 64 5.11 3.90 1.03
CA GLU C 64 5.04 5.32 1.36
C GLU C 64 6.38 5.99 1.09
N ARG C 65 7.44 5.33 1.56
CA ARG C 65 8.81 5.78 1.35
C ARG C 65 9.08 6.03 -0.13
N LYS C 66 8.72 5.07 -0.97
CA LYS C 66 8.95 5.23 -2.40
C LYS C 66 8.05 6.30 -3.04
N GLN C 67 6.86 6.49 -2.50
CA GLN C 67 5.96 7.51 -3.00
C GLN C 67 6.47 8.91 -2.70
N ARG C 68 7.29 9.05 -1.66
CA ARG C 68 7.88 10.36 -1.35
C ARG C 68 8.64 10.99 -2.54
N LEU C 69 9.15 10.16 -3.43
CA LEU C 69 9.97 10.61 -4.55
C LEU C 69 9.24 11.53 -5.53
N PHE C 70 7.91 11.48 -5.53
CA PHE C 70 7.12 12.31 -6.43
C PHE C 70 6.65 13.62 -5.78
N ASP C 71 6.79 13.71 -4.47
CA ASP C 71 6.35 14.90 -3.75
C ASP C 71 7.39 16.01 -3.82
N TYR C 72 8.66 15.63 -3.76
CA TYR C 72 9.76 16.60 -3.77
C TYR C 72 11.09 15.91 -4.00
N THR C 73 12.13 16.70 -4.19
CA THR C 73 13.48 16.18 -4.35
C THR C 73 14.40 16.73 -3.26
N GLU C 74 15.05 15.83 -2.54
CA GLU C 74 16.02 16.23 -1.52
C GLU C 74 17.44 16.03 -2.05
N LEU C 75 18.33 16.95 -1.70
CA LEU C 75 19.72 16.87 -2.13
C LEU C 75 20.64 17.73 -1.28
N ASP C 76 21.93 17.40 -1.34
CA ASP C 76 22.98 18.22 -0.75
C ASP C 76 23.64 18.96 -1.91
N PRO C 77 23.32 20.26 -2.06
CA PRO C 77 23.78 21.06 -3.20
C PRO C 77 25.31 21.20 -3.26
N SER C 78 25.99 20.81 -2.19
CA SER C 78 27.44 20.85 -2.18
C SER C 78 28.04 19.59 -2.79
N GLN C 79 27.25 18.54 -2.88
CA GLN C 79 27.71 17.27 -3.43
C GLN C 79 26.81 16.77 -4.56
N THR C 80 26.18 17.70 -5.28
CA THR C 80 25.31 17.34 -6.39
C THR C 80 25.48 18.27 -7.58
N HIS C 81 25.58 17.68 -8.76
CA HIS C 81 25.57 18.45 -9.99
C HIS C 81 24.21 18.32 -10.65
N TYR C 82 23.93 17.14 -11.19
CA TYR C 82 22.64 16.85 -11.79
C TYR C 82 21.62 16.40 -10.74
N PHE C 83 20.35 16.73 -10.97
CA PHE C 83 19.25 16.22 -10.16
C PHE C 83 17.94 16.25 -10.93
N ILE C 84 16.91 15.61 -10.39
CA ILE C 84 15.63 15.49 -11.08
C ILE C 84 14.48 15.91 -10.18
N ILE C 85 13.53 16.67 -10.74
CA ILE C 85 12.28 16.96 -10.05
C ILE C 85 11.12 16.42 -10.85
N ASN C 86 10.34 15.52 -10.26
CA ASN C 86 9.22 14.90 -10.97
C ASN C 86 8.03 14.68 -10.04
N ASN C 87 6.93 15.38 -10.32
CA ASN C 87 5.72 15.24 -9.50
C ASN C 87 4.67 14.32 -10.12
N GLY C 88 5.04 13.61 -11.18
CA GLY C 88 4.11 12.71 -11.85
C GLY C 88 3.38 13.36 -13.00
N ASN C 89 3.57 14.68 -13.15
CA ASN C 89 2.97 15.42 -14.25
C ASN C 89 4.02 16.14 -15.06
N ILE C 90 4.86 16.90 -14.35
CA ILE C 90 5.92 17.69 -14.96
C ILE C 90 7.27 17.13 -14.56
N GLY C 91 8.11 16.86 -15.55
CA GLY C 91 9.47 16.40 -15.32
C GLY C 91 10.49 17.49 -15.63
N LEU C 92 11.38 17.75 -14.69
CA LEU C 92 12.44 18.73 -14.86
C LEU C 92 13.77 18.12 -14.48
N ALA C 93 14.82 18.50 -15.20
CA ALA C 93 16.18 18.17 -14.77
C ALA C 93 16.91 19.44 -14.37
N GLY C 94 17.82 19.34 -13.42
CA GLY C 94 18.56 20.50 -12.96
C GLY C 94 20.04 20.23 -12.88
N ARG C 95 20.84 21.25 -13.17
CA ARG C 95 22.28 21.17 -12.96
C ARG C 95 22.79 22.38 -12.21
N ILE C 96 23.43 22.13 -11.06
CA ILE C 96 23.93 23.20 -10.23
C ILE C 96 25.25 23.72 -10.77
N LEU C 97 25.26 24.99 -11.16
CA LEU C 97 26.44 25.61 -11.74
C LEU C 97 27.39 26.09 -10.66
N SER C 98 26.85 26.83 -9.68
CA SER C 98 27.66 27.33 -8.57
C SER C 98 26.81 27.81 -7.40
N ILE C 99 27.39 27.81 -6.22
CA ILE C 99 26.79 28.41 -5.04
C ILE C 99 27.61 29.62 -4.61
N GLU C 100 26.96 30.76 -4.45
CA GLU C 100 27.67 31.99 -4.10
C GLU C 100 27.03 32.73 -2.92
N PRO C 101 27.86 33.34 -2.07
CA PRO C 101 27.39 34.11 -0.93
C PRO C 101 26.84 35.47 -1.35
N ILE C 102 25.69 35.83 -0.80
CA ILE C 102 25.12 37.15 -1.03
C ILE C 102 24.32 37.60 0.19
N ASP C 103 24.70 38.77 0.69
CA ASP C 103 24.06 39.47 1.82
C ASP C 103 23.20 38.60 2.74
N ASN C 104 23.84 38.07 3.79
CA ASN C 104 23.21 37.24 4.84
C ASN C 104 23.11 35.74 4.53
N GLY C 105 22.91 35.37 3.26
CA GLY C 105 22.79 33.97 2.92
C GLY C 105 23.58 33.44 1.72
N SER C 106 22.95 32.53 0.98
CA SER C 106 23.59 31.91 -0.17
C SER C 106 22.74 32.11 -1.42
N VAL C 107 23.35 31.87 -2.58
CA VAL C 107 22.65 31.95 -3.85
C VAL C 107 23.06 30.79 -4.75
N ILE C 108 22.09 29.99 -5.17
CA ILE C 108 22.35 28.86 -6.05
C ILE C 108 22.02 29.21 -7.49
N HIS C 109 23.04 29.21 -8.33
CA HIS C 109 22.85 29.39 -9.77
C HIS C 109 22.75 28.02 -10.40
N LEU C 110 21.66 27.78 -11.14
CA LEU C 110 21.48 26.46 -11.75
C LEU C 110 20.76 26.55 -13.08
N ASP C 111 20.82 25.47 -13.85
CA ASP C 111 20.04 25.38 -15.07
C ASP C 111 18.92 24.38 -14.89
N LEU C 112 17.71 24.79 -15.26
CA LEU C 112 16.57 23.89 -15.24
C LEU C 112 16.14 23.58 -16.67
N VAL C 113 15.71 22.35 -16.92
CA VAL C 113 15.25 21.95 -18.24
C VAL C 113 13.97 21.12 -18.20
N ASN C 114 13.00 21.56 -18.99
CA ASN C 114 11.72 20.88 -19.18
C ASN C 114 11.92 19.60 -19.98
N LEU C 115 11.54 18.47 -19.40
CA LEU C 115 11.75 17.17 -20.01
C LEU C 115 10.60 16.79 -20.95
N LEU C 116 9.54 17.58 -20.91
CA LEU C 116 8.36 17.31 -21.74
C LEU C 116 8.51 17.91 -23.13
N SER C 117 7.54 17.64 -24.00
CA SER C 117 7.59 18.10 -25.39
C SER C 117 6.85 19.42 -25.60
N ILE C 118 6.15 19.87 -24.56
CA ILE C 118 5.48 21.18 -24.61
C ILE C 118 6.08 22.11 -23.57
N PRO C 119 6.02 23.44 -23.81
CA PRO C 119 6.58 24.39 -22.86
C PRO C 119 5.86 24.36 -21.52
N VAL C 120 6.56 24.70 -20.44
CA VAL C 120 5.90 24.93 -19.15
C VAL C 120 6.35 26.29 -18.60
N SER C 121 5.39 27.11 -18.19
CA SER C 121 5.70 28.45 -17.71
C SER C 121 5.02 28.75 -16.37
N ASN C 122 5.59 29.70 -15.64
CA ASN C 122 5.03 30.13 -14.36
C ASN C 122 4.98 29.04 -13.29
N LEU C 123 6.01 28.19 -13.26
CA LEU C 123 6.18 27.24 -12.17
C LEU C 123 6.53 27.98 -10.89
N ALA C 124 6.05 27.46 -9.76
CA ALA C 124 6.47 27.94 -8.45
C ALA C 124 7.20 26.83 -7.73
N PHE C 125 8.13 27.18 -6.86
CA PHE C 125 8.97 26.18 -6.19
C PHE C 125 8.86 26.26 -4.68
N ASN C 126 8.50 25.15 -4.05
CA ASN C 126 8.54 25.05 -2.59
C ASN C 126 9.92 24.62 -2.15
N MET C 127 10.59 25.45 -1.35
CA MET C 127 11.97 25.16 -0.96
C MET C 127 12.19 25.19 0.55
N THR C 128 12.96 24.22 1.04
CA THR C 128 13.38 24.17 2.43
C THR C 128 14.88 23.92 2.42
N TRP C 129 15.64 24.57 3.31
CA TRP C 129 17.08 24.41 3.26
C TRP C 129 17.81 24.55 4.60
N GLY C 130 19.00 23.98 4.68
CA GLY C 130 19.80 24.08 5.90
C GLY C 130 21.06 23.23 5.93
N THR C 131 21.29 22.58 7.06
CA THR C 131 22.48 21.76 7.25
C THR C 131 22.17 20.27 7.12
N LYS C 132 23.23 19.47 7.01
CA LYS C 132 23.10 18.02 6.84
C LYS C 132 22.54 17.36 8.08
N ASP C 139 19.37 15.32 16.06
CA ASP C 139 19.08 16.33 15.06
C ASP C 139 17.57 16.58 14.92
N LEU C 140 16.83 15.50 14.65
CA LEU C 140 15.40 15.53 14.28
C LEU C 140 14.56 16.80 14.51
N PRO C 141 14.34 17.22 15.77
CA PRO C 141 13.42 18.36 15.90
C PRO C 141 14.06 19.73 15.69
N ARG C 142 15.17 20.01 16.36
CA ARG C 142 15.83 21.31 16.24
C ARG C 142 16.45 21.50 14.86
N TRP C 143 16.97 20.42 14.30
CA TRP C 143 17.50 20.43 12.93
C TRP C 143 16.39 20.74 11.95
N LYS C 144 15.15 20.42 12.33
CA LYS C 144 13.99 20.77 11.51
C LYS C 144 13.55 22.21 11.79
N GLN C 145 13.73 22.65 13.02
CA GLN C 145 13.43 24.04 13.39
C GLN C 145 14.48 24.98 12.80
N LEU C 146 15.68 24.45 12.56
CA LEU C 146 16.76 25.23 11.98
C LEU C 146 16.73 25.20 10.46
N LEU C 147 15.63 24.70 9.90
CA LEU C 147 15.42 24.71 8.46
C LEU C 147 14.54 25.89 8.07
N LEU C 148 14.97 26.65 7.07
CA LEU C 148 14.18 27.76 6.57
C LEU C 148 13.42 27.35 5.32
N ASN C 149 12.24 27.91 5.12
CA ASN C 149 11.41 27.55 3.99
C ASN C 149 10.72 28.72 3.32
N THR C 150 10.39 28.57 2.05
CA THR C 150 9.65 29.59 1.31
C THR C 150 9.11 29.05 -0.01
N LYS C 151 8.16 29.77 -0.59
CA LYS C 151 7.65 29.43 -1.91
C LYS C 151 8.00 30.52 -2.91
N MET C 152 8.83 30.18 -3.88
CA MET C 152 9.22 31.13 -4.91
C MET C 152 8.31 31.04 -6.13
N ASP C 153 7.45 32.03 -6.31
CA ASP C 153 6.69 32.16 -7.55
C ASP C 153 7.65 32.57 -8.65
N SER C 154 7.33 32.24 -9.89
CA SER C 154 8.19 32.61 -11.01
C SER C 154 7.39 32.89 -12.27
N THR C 155 8.02 33.61 -13.19
CA THR C 155 7.47 33.82 -14.53
C THR C 155 8.38 33.13 -15.54
N ILE C 156 9.17 32.19 -15.05
CA ILE C 156 10.17 31.49 -15.86
C ILE C 156 9.53 30.65 -16.95
N GLU C 157 10.05 30.79 -18.17
CA GLU C 157 9.56 30.01 -19.30
C GLU C 157 10.51 28.85 -19.58
N LEU C 158 10.00 27.63 -19.46
CA LEU C 158 10.80 26.45 -19.72
C LEU C 158 10.40 25.78 -21.04
N LEU C 159 11.13 26.09 -22.10
CA LEU C 159 10.90 25.51 -23.41
C LEU C 159 11.48 24.10 -23.46
N PRO C 160 10.82 23.20 -24.21
CA PRO C 160 11.21 21.78 -24.28
C PRO C 160 12.68 21.57 -24.64
N GLY C 161 13.40 20.85 -23.79
CA GLY C 161 14.78 20.47 -24.07
C GLY C 161 15.80 21.58 -23.90
N ALA C 162 15.37 22.72 -23.38
CA ALA C 162 16.23 23.88 -23.26
C ALA C 162 16.72 24.13 -21.83
N TRP C 163 18.03 24.08 -21.64
CA TRP C 163 18.60 24.46 -20.37
C TRP C 163 18.39 25.95 -20.14
N THR C 164 17.68 26.29 -19.07
CA THR C 164 17.31 27.66 -18.78
C THR C 164 17.90 28.10 -17.44
N ASN C 165 18.47 29.30 -17.42
CA ASN C 165 19.13 29.81 -16.22
C ASN C 165 18.16 30.24 -15.13
N VAL C 166 18.41 29.77 -13.91
CA VAL C 166 17.56 30.08 -12.76
C VAL C 166 18.41 30.37 -11.52
N THR C 167 17.97 31.35 -10.74
CA THR C 167 18.65 31.75 -9.52
C THR C 167 17.79 31.49 -8.30
N LEU C 168 18.32 30.74 -7.34
CA LEU C 168 17.62 30.47 -6.09
C LEU C 168 18.31 31.19 -4.93
N THR C 169 17.69 32.26 -4.45
CA THR C 169 18.25 33.01 -3.32
C THR C 169 17.76 32.44 -2.00
N LEU C 170 18.70 32.00 -1.16
CA LEU C 170 18.37 31.36 0.10
C LEU C 170 19.03 32.07 1.28
N LYS C 171 18.27 32.95 1.93
CA LYS C 171 18.79 33.74 3.04
C LYS C 171 18.95 32.91 4.31
N GLY C 172 19.90 33.31 5.14
CA GLY C 172 20.06 32.71 6.46
C GLY C 172 21.17 31.70 6.59
N VAL C 173 21.65 31.16 5.48
CA VAL C 173 22.69 30.13 5.50
C VAL C 173 23.84 30.43 4.53
N SER C 174 25.06 30.39 5.05
CA SER C 174 26.25 30.57 4.23
C SER C 174 26.50 29.33 3.36
N PRO C 175 27.21 29.50 2.23
CA PRO C 175 27.50 28.39 1.30
C PRO C 175 28.09 27.15 1.99
N ASN C 176 29.07 27.35 2.86
CA ASN C 176 29.73 26.23 3.53
C ASN C 176 28.85 25.52 4.56
N ASN C 177 27.72 26.12 4.89
CA ASN C 177 26.75 25.49 5.77
C ASN C 177 25.55 24.93 5.02
N LEU C 178 25.37 25.38 3.78
CA LEU C 178 24.24 24.95 2.95
C LEU C 178 24.43 23.51 2.47
N LYS C 179 23.94 22.55 3.25
CA LYS C 179 24.11 21.15 2.90
C LYS C 179 22.80 20.38 2.80
N TYR C 180 21.68 21.09 2.88
CA TYR C 180 20.37 20.45 2.71
C TYR C 180 19.43 21.32 1.88
N LEU C 181 18.79 20.70 0.88
CA LEU C 181 17.80 21.37 0.05
C LEU C 181 16.68 20.42 -0.37
N LYS C 182 15.47 20.79 -0.01
CA LYS C 182 14.26 20.08 -0.39
C LYS C 182 13.45 20.97 -1.31
N ILE C 183 13.23 20.51 -2.54
CA ILE C 183 12.58 21.34 -3.55
C ILE C 183 11.43 20.62 -4.25
N GLY C 184 10.27 21.29 -4.30
CA GLY C 184 9.09 20.73 -4.92
C GLY C 184 8.41 21.72 -5.86
N ILE C 185 7.45 21.22 -6.64
CA ILE C 185 6.81 21.99 -7.69
C ILE C 185 5.39 22.43 -7.32
N ASP C 186 5.09 23.70 -7.51
CA ASP C 186 3.73 24.20 -7.37
C ASP C 186 3.20 24.55 -8.75
N MET C 187 2.04 24.00 -9.11
CA MET C 187 1.52 24.13 -10.47
C MET C 187 0.29 25.02 -10.61
N GLU C 188 0.02 25.82 -9.59
CA GLU C 188 -1.17 26.68 -9.56
C GLU C 188 -1.34 27.54 -10.82
N ASN C 189 -0.26 28.20 -11.22
CA ASN C 189 -0.33 29.16 -12.32
C ASN C 189 0.39 28.70 -13.58
N VAL C 190 0.58 27.39 -13.70
CA VAL C 190 1.31 26.84 -14.84
C VAL C 190 0.56 26.99 -16.15
N ILE C 191 1.28 27.46 -17.17
CA ILE C 191 0.74 27.56 -18.52
C ILE C 191 1.62 26.78 -19.47
N PHE C 192 1.01 25.89 -20.25
CA PHE C 192 1.77 25.04 -21.16
C PHE C 192 2.03 25.69 -22.52
N ASP C 193 2.64 26.87 -22.48
CA ASP C 193 2.99 27.60 -23.69
C ASP C 193 3.99 28.71 -23.35
N SER C 194 4.45 29.41 -24.37
CA SER C 194 5.33 30.56 -24.18
C SER C 194 4.58 31.68 -23.48
N ILE C 195 5.27 32.38 -22.59
CA ILE C 195 4.65 33.45 -21.82
C ILE C 195 4.80 34.78 -22.53
#